data_4B44
#
_entry.id   4B44
#
_cell.length_a   45.150
_cell.length_b   62.200
_cell.length_c   159.960
_cell.angle_alpha   90.00
_cell.angle_beta   90.00
_cell.angle_gamma   90.00
#
_symmetry.space_group_name_H-M   'P 21 21 21'
#
loop_
_entity.id
_entity.type
_entity.pdbx_description
1 polymer 'TRANSLATION INITIATION FACTOR IF-2'
2 non-polymer "GUANOSINE-5'-DIPHOSPHATE"
3 water water
#
_entity_poly.entity_id   1
_entity_poly.type   'polypeptide(L)'
_entity_poly.pdbx_seq_one_letter_code
;MAKVRIYQLAKELGMETQELLELLDQMGVAYKSHASTLEEKDAEAVRELVKEQRGLQEKLAEEERRKSLPRRPPVVVIMG
HVDHGKTTLLDYLRKSRIAEKEAGGITQHVGAFEVKTPQGTVVFIDTPGHEAFTTIRQRGAKVADIAVIVIAADDGIMPQ
TEEAIAHAKAAGAKLIFAINKIDLPQADPEKVKRQLMERGFVPEEYGGDAIVIPISAKTGQGVQDLLEMILLLAELEDYR
ADPNAEPRGVILESKLDKQAGIIANMLVQEGTFRVGDYVVAGEAYGRIRAMMDADGNQRKEAGPGSAVQVLGFQELPHAG
DVVEWVPDLEAAKEIAEERKEERKAREEEEKARRPRTMAELLR
;
_entity_poly.pdbx_strand_id   A
#
loop_
_chem_comp.id
_chem_comp.type
_chem_comp.name
_chem_comp.formula
GDP RNA linking GUANOSINE-5'-DIPHOSPHATE 'C10 H15 N5 O11 P2'
#
# COMPACT_ATOMS: atom_id res chain seq x y z
N ALA A 2 -38.30 -6.71 42.99
CA ALA A 2 -38.69 -8.10 43.23
C ALA A 2 -39.95 -8.16 44.09
N LYS A 3 -40.93 -8.96 43.68
CA LYS A 3 -40.85 -9.69 42.43
C LYS A 3 -41.32 -8.80 41.31
N VAL A 4 -40.55 -8.80 40.23
CA VAL A 4 -40.75 -7.86 39.17
C VAL A 4 -41.73 -8.39 38.14
N ARG A 5 -42.58 -7.50 37.64
CA ARG A 5 -43.51 -7.86 36.58
C ARG A 5 -42.81 -7.81 35.24
N ILE A 6 -43.26 -8.64 34.31
CA ILE A 6 -42.61 -8.77 33.02
C ILE A 6 -42.51 -7.46 32.24
N TYR A 7 -43.56 -6.66 32.26
CA TYR A 7 -43.53 -5.42 31.53
C TYR A 7 -42.55 -4.44 32.13
N GLN A 8 -42.23 -4.66 33.40
CA GLN A 8 -41.26 -3.84 34.12
C GLN A 8 -39.86 -4.20 33.75
N LEU A 9 -39.58 -5.48 33.69
CA LEU A 9 -38.26 -5.96 33.35
C LEU A 9 -37.92 -5.58 31.93
N ALA A 10 -38.95 -5.52 31.09
CA ALA A 10 -38.76 -5.25 29.68
C ALA A 10 -38.31 -3.82 29.47
N LYS A 11 -38.95 -2.92 30.18
CA LYS A 11 -38.60 -1.52 30.11
C LYS A 11 -37.19 -1.36 30.59
N GLU A 12 -36.85 -2.11 31.63
CA GLU A 12 -35.53 -2.09 32.23
C GLU A 12 -34.45 -2.47 31.22
N LEU A 13 -34.69 -3.54 30.50
CA LEU A 13 -33.69 -4.09 29.58
C LEU A 13 -33.68 -3.40 28.24
N GLY A 14 -34.57 -2.44 28.05
CA GLY A 14 -34.68 -1.75 26.79
C GLY A 14 -35.18 -2.74 25.76
N MET A 15 -36.25 -3.41 26.12
CA MET A 15 -36.71 -4.53 25.36
C MET A 15 -38.19 -4.41 25.06
N GLU A 16 -38.64 -5.22 24.12
CA GLU A 16 -40.04 -5.27 23.77
C GLU A 16 -40.74 -6.36 24.54
N THR A 17 -41.99 -6.10 24.89
CA THR A 17 -42.81 -7.09 25.57
C THR A 17 -42.79 -8.40 24.82
N GLN A 18 -43.11 -8.37 23.55
CA GLN A 18 -43.15 -9.58 22.77
C GLN A 18 -41.77 -10.16 22.56
N GLU A 19 -40.75 -9.31 22.66
CA GLU A 19 -39.38 -9.76 22.59
C GLU A 19 -39.06 -10.58 23.80
N LEU A 20 -39.49 -10.10 24.94
CA LEU A 20 -39.15 -10.75 26.19
C LEU A 20 -39.99 -11.97 26.41
N LEU A 21 -41.21 -11.95 25.91
CA LEU A 21 -42.07 -13.10 26.05
C LEU A 21 -41.51 -14.24 25.24
N GLU A 22 -41.04 -13.92 24.05
CA GLU A 22 -40.44 -14.92 23.18
C GLU A 22 -39.25 -15.52 23.87
N LEU A 23 -38.54 -14.69 24.62
CA LEU A 23 -37.34 -15.11 25.30
C LEU A 23 -37.68 -16.04 26.44
N LEU A 24 -38.78 -15.79 27.11
CA LEU A 24 -39.14 -16.61 28.25
C LEU A 24 -39.55 -17.99 27.80
N ASP A 25 -40.14 -18.07 26.62
CA ASP A 25 -40.57 -19.36 26.11
C ASP A 25 -39.36 -20.18 25.70
N GLN A 26 -38.37 -19.52 25.14
CA GLN A 26 -37.14 -20.19 24.77
C GLN A 26 -36.42 -20.56 26.04
N MET A 27 -36.60 -19.73 27.07
CA MET A 27 -35.92 -19.93 28.32
C MET A 27 -36.59 -21.01 29.17
N GLY A 28 -37.90 -21.16 28.98
CA GLY A 28 -38.61 -22.22 29.65
C GLY A 28 -39.41 -21.72 30.83
N VAL A 29 -39.35 -20.42 31.08
CA VAL A 29 -40.11 -19.82 32.16
C VAL A 29 -41.53 -19.61 31.70
N ALA A 30 -42.48 -20.07 32.50
CA ALA A 30 -43.87 -19.94 32.10
C ALA A 30 -44.52 -18.73 32.73
N TYR A 31 -45.32 -18.04 31.94
CA TYR A 31 -46.02 -16.87 32.41
C TYR A 31 -47.49 -17.01 32.04
N LYS A 32 -48.28 -16.02 32.41
CA LYS A 32 -49.67 -15.97 32.04
C LYS A 32 -49.81 -14.94 30.97
N SER A 33 -49.51 -13.70 31.33
CA SER A 33 -49.45 -12.63 30.37
C SER A 33 -48.29 -11.76 30.76
N HIS A 34 -48.06 -10.68 30.02
CA HIS A 34 -46.93 -9.82 30.29
C HIS A 34 -47.09 -9.07 31.61
N ALA A 35 -48.25 -9.21 32.20
CA ALA A 35 -48.54 -8.59 33.48
C ALA A 35 -48.02 -9.46 34.60
N SER A 36 -47.63 -10.69 34.25
CA SER A 36 -47.26 -11.66 35.26
C SER A 36 -46.00 -11.25 35.98
N THR A 37 -45.81 -11.81 37.15
CA THR A 37 -44.66 -11.49 37.97
C THR A 37 -43.62 -12.58 37.82
N LEU A 38 -42.37 -12.19 37.81
CA LEU A 38 -41.30 -13.16 37.66
C LEU A 38 -40.60 -13.40 38.98
N GLU A 39 -40.25 -14.66 39.21
CA GLU A 39 -39.44 -14.99 40.35
C GLU A 39 -38.06 -14.43 40.11
N GLU A 40 -37.54 -13.73 41.12
CA GLU A 40 -36.28 -13.03 41.01
C GLU A 40 -35.17 -13.95 40.56
N LYS A 41 -35.36 -15.24 40.78
CA LYS A 41 -34.43 -16.21 40.27
C LYS A 41 -34.39 -16.10 38.76
N ASP A 42 -35.57 -16.14 38.16
CA ASP A 42 -35.70 -16.12 36.72
C ASP A 42 -35.28 -14.80 36.12
N ALA A 43 -35.72 -13.72 36.72
CA ALA A 43 -35.39 -12.39 36.22
C ALA A 43 -33.89 -12.21 36.20
N GLU A 44 -33.24 -12.84 37.15
CA GLU A 44 -31.81 -12.75 37.26
C GLU A 44 -31.17 -13.51 36.12
N ALA A 45 -31.86 -14.57 35.68
CA ALA A 45 -31.39 -15.36 34.57
C ALA A 45 -31.62 -14.58 33.30
N VAL A 46 -32.76 -13.94 33.22
CA VAL A 46 -33.10 -13.16 32.05
C VAL A 46 -32.12 -12.03 31.88
N ARG A 47 -31.81 -11.34 32.96
CA ARG A 47 -30.84 -10.26 32.89
C ARG A 47 -29.50 -10.78 32.40
N GLU A 48 -29.17 -12.01 32.75
CA GLU A 48 -27.90 -12.59 32.36
C GLU A 48 -27.90 -12.97 30.90
N LEU A 49 -28.95 -13.65 30.46
CA LEU A 49 -29.03 -14.13 29.09
C LEU A 49 -28.98 -12.97 28.12
N VAL A 50 -29.61 -11.87 28.49
CA VAL A 50 -29.63 -10.69 27.65
C VAL A 50 -28.24 -10.10 27.52
N LYS A 51 -27.37 -10.38 28.49
CA LYS A 51 -25.99 -9.93 28.41
C LYS A 51 -25.18 -10.79 27.47
N GLU A 52 -25.32 -12.10 27.63
CA GLU A 52 -24.70 -13.07 26.75
C GLU A 52 -25.02 -12.74 25.30
N GLN A 53 -26.30 -12.78 24.95
CA GLN A 53 -26.75 -12.60 23.59
C GLN A 53 -26.31 -11.29 22.97
N ARG A 54 -26.36 -10.22 23.75
CA ARG A 54 -26.04 -8.91 23.23
C ARG A 54 -24.54 -8.74 23.09
N GLY A 55 -23.80 -9.29 24.04
CA GLY A 55 -22.35 -9.19 24.02
C GLY A 55 -21.79 -9.95 22.86
N LEU A 56 -22.39 -11.09 22.56
CA LEU A 56 -21.92 -11.93 21.48
C LEU A 56 -22.20 -11.24 20.16
N GLN A 57 -23.29 -10.51 20.09
CA GLN A 57 -23.61 -9.85 18.84
C GLN A 57 -22.70 -8.68 18.58
N GLU A 58 -22.26 -8.01 19.65
CA GLU A 58 -21.35 -6.90 19.49
C GLU A 58 -20.00 -7.46 19.10
N LYS A 59 -19.77 -8.69 19.55
CA LYS A 59 -18.53 -9.37 19.27
C LYS A 59 -18.49 -9.81 17.82
N LEU A 60 -19.61 -10.28 17.31
CA LEU A 60 -19.66 -10.80 15.96
C LEU A 60 -19.64 -9.67 14.97
N ALA A 61 -20.11 -8.52 15.40
CA ALA A 61 -20.11 -7.37 14.51
C ALA A 61 -18.68 -6.90 14.38
N GLU A 62 -17.91 -7.07 15.44
CA GLU A 62 -16.56 -6.58 15.45
C GLU A 62 -15.69 -7.42 14.55
N GLU A 63 -15.80 -8.73 14.69
CA GLU A 63 -15.01 -9.63 13.86
C GLU A 63 -15.45 -9.48 12.42
N GLU A 64 -16.68 -9.04 12.23
CA GLU A 64 -17.21 -8.83 10.89
C GLU A 64 -16.49 -7.71 10.17
N ARG A 65 -16.28 -6.59 10.84
CA ARG A 65 -15.65 -5.47 10.18
C ARG A 65 -14.15 -5.66 10.03
N ARG A 66 -13.57 -6.49 10.88
CA ARG A 66 -12.14 -6.74 10.82
C ARG A 66 -11.79 -7.71 9.73
N LYS A 67 -12.81 -8.25 9.10
CA LYS A 67 -12.60 -9.08 7.94
C LYS A 67 -12.36 -8.18 6.77
N SER A 68 -12.72 -6.92 6.92
CA SER A 68 -12.58 -5.96 5.83
C SER A 68 -11.34 -5.12 6.04
N LEU A 69 -10.37 -5.29 5.17
CA LEU A 69 -9.10 -4.59 5.28
C LEU A 69 -9.15 -3.26 4.56
N PRO A 70 -8.47 -2.26 5.11
CA PRO A 70 -8.47 -0.92 4.53
C PRO A 70 -7.70 -0.91 3.24
N ARG A 71 -7.99 0.08 2.40
CA ARG A 71 -7.29 0.17 1.14
C ARG A 71 -5.88 0.68 1.32
N ARG A 72 -5.15 0.71 0.22
CA ARG A 72 -3.80 1.25 0.23
C ARG A 72 -3.58 1.92 -1.09
N PRO A 73 -2.79 2.98 -1.10
CA PRO A 73 -2.60 3.71 -2.34
C PRO A 73 -1.80 2.89 -3.33
N PRO A 74 -2.04 3.14 -4.61
CA PRO A 74 -1.30 2.50 -5.70
C PRO A 74 0.12 3.03 -5.75
N VAL A 75 1.04 2.12 -6.00
CA VAL A 75 2.43 2.47 -6.12
C VAL A 75 2.80 2.48 -7.59
N VAL A 76 3.34 3.58 -8.07
CA VAL A 76 3.57 3.75 -9.49
C VAL A 76 5.02 3.96 -9.88
N VAL A 77 5.47 3.20 -10.86
CA VAL A 77 6.80 3.40 -11.41
C VAL A 77 6.68 3.92 -12.84
N ILE A 78 7.67 4.68 -13.27
CA ILE A 78 7.66 5.26 -14.60
C ILE A 78 8.80 4.72 -15.42
N MET A 79 8.51 4.26 -16.63
CA MET A 79 9.52 3.71 -17.49
C MET A 79 9.53 4.37 -18.85
N GLY A 80 10.46 3.96 -19.69
CA GLY A 80 10.53 4.47 -21.04
C GLY A 80 11.90 4.54 -21.66
N HIS A 81 11.96 5.20 -22.80
CA HIS A 81 13.19 5.39 -23.55
C HIS A 81 13.78 6.73 -23.18
N VAL A 82 15.10 6.79 -23.14
CA VAL A 82 15.80 8.02 -22.81
C VAL A 82 15.30 9.12 -23.71
N ASP A 83 15.11 10.30 -23.12
CA ASP A 83 14.68 11.51 -23.81
C ASP A 83 13.17 11.62 -23.99
N HIS A 84 12.44 10.60 -23.56
CA HIS A 84 11.00 10.62 -23.75
C HIS A 84 10.24 11.30 -22.62
N GLY A 85 10.94 11.82 -21.64
CA GLY A 85 10.32 12.66 -20.64
C GLY A 85 9.94 12.10 -19.27
N LYS A 86 10.48 10.96 -18.91
CA LYS A 86 10.28 10.41 -17.58
C LYS A 86 10.54 11.46 -16.53
N THR A 87 11.78 11.90 -16.49
CA THR A 87 12.25 12.84 -15.49
C THR A 87 11.38 14.08 -15.42
N THR A 88 11.04 14.62 -16.57
CA THR A 88 10.25 15.83 -16.61
C THR A 88 8.88 15.58 -15.99
N LEU A 89 8.36 14.40 -16.22
CA LEU A 89 7.05 14.03 -15.70
C LEU A 89 7.08 13.89 -14.19
N LEU A 90 8.09 13.19 -13.69
CA LEU A 90 8.21 13.02 -12.26
C LEU A 90 8.37 14.34 -11.57
N ASP A 91 9.18 15.22 -12.14
CA ASP A 91 9.39 16.52 -11.54
C ASP A 91 8.09 17.29 -11.52
N TYR A 92 7.34 17.20 -12.60
CA TYR A 92 6.07 17.90 -12.68
C TYR A 92 5.14 17.41 -11.60
N LEU A 93 5.00 16.11 -11.51
CA LEU A 93 4.13 15.49 -10.52
C LEU A 93 4.55 15.94 -9.16
N ARG A 94 5.86 16.01 -8.96
CA ARG A 94 6.38 16.43 -7.67
C ARG A 94 6.24 17.92 -7.52
N LYS A 95 6.07 18.64 -8.62
CA LYS A 95 5.75 20.04 -8.51
C LYS A 95 4.30 20.23 -8.12
N SER A 96 3.44 19.50 -8.81
CA SER A 96 2.00 19.73 -8.79
C SER A 96 1.38 19.46 -7.44
N ARG A 97 2.14 18.84 -6.53
CA ARG A 97 1.64 18.48 -5.22
C ARG A 97 1.53 19.74 -4.38
N ILE A 98 2.66 20.38 -4.07
CA ILE A 98 2.50 21.68 -3.47
C ILE A 98 2.50 22.73 -4.56
N ALA A 99 1.28 23.22 -4.80
CA ALA A 99 0.99 24.47 -5.48
C ALA A 99 0.83 25.44 -4.33
N GLU A 100 1.12 24.91 -3.12
CA GLU A 100 1.25 25.66 -1.86
C GLU A 100 2.72 25.89 -1.48
N LYS A 101 3.06 27.17 -1.38
CA LYS A 101 4.41 27.67 -1.18
C LYS A 101 4.27 28.25 0.23
N GLU A 102 5.37 28.39 0.96
CA GLU A 102 5.51 28.00 2.38
C GLU A 102 6.13 26.60 2.65
N ALA A 103 6.41 25.78 1.62
CA ALA A 103 7.09 24.49 1.88
C ALA A 103 6.32 23.51 2.87
N GLY A 104 6.65 23.33 4.17
CA GLY A 104 7.77 23.93 4.91
C GLY A 104 9.22 23.48 5.00
N GLY A 105 9.45 22.33 5.61
CA GLY A 105 8.32 21.52 6.07
C GLY A 105 7.92 20.20 5.44
N ILE A 106 8.79 19.48 4.74
CA ILE A 106 10.24 19.73 4.50
C ILE A 106 10.57 19.55 2.99
N THR A 107 10.22 18.37 2.47
CA THR A 107 10.73 17.69 1.27
C THR A 107 12.17 17.24 1.36
N GLN A 108 12.41 16.24 2.22
CA GLN A 108 13.54 15.35 1.99
C GLN A 108 13.14 14.29 0.97
N HIS A 109 14.08 13.42 0.60
CA HIS A 109 13.76 12.37 -0.35
C HIS A 109 13.82 11.00 0.30
N VAL A 110 12.65 10.43 0.51
CA VAL A 110 12.53 9.12 1.13
C VAL A 110 12.35 7.98 0.16
N GLY A 111 12.41 8.27 -1.13
CA GLY A 111 12.37 7.21 -2.11
C GLY A 111 11.05 7.14 -2.85
N ALA A 112 10.05 7.81 -2.33
CA ALA A 112 8.78 7.91 -3.00
C ALA A 112 8.04 9.14 -2.53
N PHE A 113 7.12 9.60 -3.35
CA PHE A 113 6.28 10.70 -2.94
C PHE A 113 4.83 10.43 -3.25
N GLU A 114 3.96 11.15 -2.56
CA GLU A 114 2.52 10.98 -2.68
C GLU A 114 1.88 12.18 -3.34
N VAL A 115 0.98 11.92 -4.28
CA VAL A 115 0.18 12.97 -4.85
C VAL A 115 -1.27 12.80 -4.45
N LYS A 116 -1.75 13.70 -3.62
CA LYS A 116 -3.10 13.62 -3.12
C LYS A 116 -4.04 14.30 -4.09
N THR A 117 -5.06 13.58 -4.48
CA THR A 117 -6.13 14.14 -5.29
C THR A 117 -7.41 13.90 -4.53
N PRO A 118 -8.44 14.67 -4.86
CA PRO A 118 -9.77 14.41 -4.30
C PRO A 118 -10.21 12.98 -4.49
N GLN A 119 -9.77 12.37 -5.59
CA GLN A 119 -10.18 11.02 -5.91
C GLN A 119 -9.29 10.00 -5.21
N GLY A 120 -8.16 10.44 -4.70
CA GLY A 120 -7.28 9.56 -3.98
C GLY A 120 -5.83 9.97 -4.00
N THR A 121 -5.02 9.18 -3.30
CA THR A 121 -3.60 9.43 -3.16
C THR A 121 -2.83 8.43 -3.98
N VAL A 122 -1.85 8.91 -4.72
CA VAL A 122 -1.01 8.03 -5.51
C VAL A 122 0.45 8.14 -5.10
N VAL A 123 1.11 6.99 -5.03
CA VAL A 123 2.48 6.94 -4.60
C VAL A 123 3.44 6.69 -5.74
N PHE A 124 4.38 7.61 -5.89
CA PHE A 124 5.32 7.55 -6.98
C PHE A 124 6.74 7.27 -6.53
N ILE A 125 7.29 6.18 -7.04
CA ILE A 125 8.67 5.85 -6.83
C ILE A 125 9.57 6.91 -7.43
N ASP A 126 10.58 7.35 -6.70
CA ASP A 126 11.47 8.31 -7.29
C ASP A 126 12.80 7.69 -7.72
N THR A 127 13.74 7.55 -6.77
CA THR A 127 14.85 6.60 -6.83
C THR A 127 15.30 6.20 -8.21
N PRO A 128 15.70 7.16 -9.07
CA PRO A 128 15.97 6.50 -10.34
C PRO A 128 17.19 5.57 -10.23
N GLY A 129 17.00 4.29 -10.52
CA GLY A 129 18.09 3.40 -10.87
C GLY A 129 18.09 3.02 -12.33
N HIS A 130 16.95 3.27 -12.98
CA HIS A 130 16.65 2.69 -14.29
C HIS A 130 16.91 1.18 -14.30
N GLU A 131 16.05 0.45 -13.61
CA GLU A 131 16.21 -0.97 -13.31
C GLU A 131 17.59 -1.27 -12.71
N ALA A 132 18.22 -2.36 -13.11
CA ALA A 132 19.57 -2.69 -12.65
C ALA A 132 20.33 -3.44 -13.72
N ARG A 139 13.81 -10.59 -9.63
CA ARG A 139 15.07 -10.04 -9.12
C ARG A 139 14.93 -9.68 -7.66
N GLY A 140 14.17 -8.61 -7.41
CA GLY A 140 13.87 -8.14 -6.08
C GLY A 140 12.50 -8.57 -5.64
N ALA A 141 11.86 -7.74 -4.82
CA ALA A 141 10.52 -8.04 -4.38
C ALA A 141 9.59 -7.04 -5.01
N LYS A 142 8.34 -7.45 -5.20
CA LYS A 142 7.38 -6.62 -5.90
C LYS A 142 7.19 -5.28 -5.22
N VAL A 143 7.31 -4.23 -6.01
CA VAL A 143 7.23 -2.89 -5.47
C VAL A 143 6.07 -2.17 -6.11
N ALA A 144 6.15 -2.00 -7.42
CA ALA A 144 5.15 -1.23 -8.15
C ALA A 144 3.95 -2.06 -8.54
N ASP A 145 2.77 -1.49 -8.35
CA ASP A 145 1.54 -2.06 -8.85
C ASP A 145 1.34 -1.73 -10.32
N ILE A 146 1.64 -0.50 -10.67
CA ILE A 146 1.38 0.00 -12.01
C ILE A 146 2.64 0.57 -12.58
N ALA A 147 2.89 0.33 -13.86
CA ALA A 147 3.99 0.97 -14.54
C ALA A 147 3.46 1.90 -15.59
N VAL A 148 3.92 3.13 -15.57
CA VAL A 148 3.55 4.05 -16.62
C VAL A 148 4.60 4.06 -17.68
N ILE A 149 4.26 3.55 -18.85
CA ILE A 149 5.22 3.52 -19.92
C ILE A 149 5.12 4.79 -20.70
N VAL A 150 6.19 5.54 -20.71
CA VAL A 150 6.19 6.83 -21.36
C VAL A 150 6.74 6.70 -22.76
N ILE A 151 6.06 7.35 -23.69
CA ILE A 151 6.47 7.33 -25.08
C ILE A 151 6.39 8.73 -25.63
N ALA A 152 7.37 9.10 -26.45
CA ALA A 152 7.37 10.40 -27.07
C ALA A 152 6.63 10.32 -28.40
N ALA A 153 5.81 11.33 -28.65
CA ALA A 153 4.98 11.33 -29.83
C ALA A 153 5.76 11.72 -31.07
N ASP A 154 6.97 12.24 -30.89
CA ASP A 154 7.77 12.62 -32.03
C ASP A 154 8.75 11.53 -32.41
N ASP A 155 8.73 10.44 -31.65
CA ASP A 155 9.75 9.43 -31.74
C ASP A 155 9.10 8.09 -31.97
N GLY A 156 8.29 7.68 -31.01
CA GLY A 156 7.57 6.43 -31.12
C GLY A 156 8.20 5.30 -30.36
N ILE A 157 7.83 4.09 -30.74
CA ILE A 157 8.22 2.94 -29.96
C ILE A 157 9.55 2.36 -30.40
N MET A 158 10.51 2.50 -29.50
CA MET A 158 11.84 1.93 -29.64
C MET A 158 11.93 0.56 -29.00
N PRO A 159 12.92 -0.24 -29.39
CA PRO A 159 13.18 -1.50 -28.69
C PRO A 159 13.36 -1.32 -27.20
N GLN A 160 13.79 -0.15 -26.77
CA GLN A 160 13.94 0.13 -25.36
C GLN A 160 12.59 0.15 -24.71
N THR A 161 11.62 0.70 -25.42
CA THR A 161 10.28 0.77 -24.91
C THR A 161 9.72 -0.64 -24.85
N GLU A 162 10.07 -1.45 -25.84
CA GLU A 162 9.63 -2.82 -25.88
C GLU A 162 10.19 -3.58 -24.70
N GLU A 163 11.37 -3.17 -24.26
CA GLU A 163 12.02 -3.77 -23.12
CA GLU A 163 12.01 -3.80 -23.11
C GLU A 163 11.32 -3.39 -21.83
N ALA A 164 11.05 -2.10 -21.70
CA ALA A 164 10.41 -1.58 -20.53
C ALA A 164 9.05 -2.25 -20.33
N ILE A 165 8.35 -2.44 -21.43
CA ILE A 165 7.05 -3.06 -21.39
C ILE A 165 7.17 -4.50 -20.98
N ALA A 166 8.21 -5.16 -21.45
CA ALA A 166 8.38 -6.57 -21.16
C ALA A 166 8.79 -6.74 -19.72
N HIS A 167 9.67 -5.85 -19.28
CA HIS A 167 10.13 -5.88 -17.91
C HIS A 167 8.98 -5.74 -16.95
N ALA A 168 8.16 -4.72 -17.18
CA ALA A 168 7.09 -4.37 -16.29
C ALA A 168 6.08 -5.48 -16.14
N LYS A 169 5.83 -6.19 -17.22
CA LYS A 169 4.88 -7.28 -17.18
C LYS A 169 5.48 -8.42 -16.40
N ALA A 170 6.78 -8.59 -16.56
CA ALA A 170 7.50 -9.65 -15.88
C ALA A 170 7.55 -9.36 -14.40
N ALA A 171 7.38 -8.10 -14.05
CA ALA A 171 7.45 -7.69 -12.66
C ALA A 171 6.07 -7.64 -12.02
N GLY A 172 5.04 -7.92 -12.81
CA GLY A 172 3.69 -7.99 -12.30
C GLY A 172 2.98 -6.67 -12.30
N ALA A 173 3.46 -5.76 -13.13
CA ALA A 173 2.87 -4.44 -13.17
C ALA A 173 1.75 -4.35 -14.19
N LYS A 174 0.69 -3.65 -13.83
CA LYS A 174 -0.34 -3.33 -14.79
C LYS A 174 0.13 -2.13 -15.56
N LEU A 175 -0.07 -2.16 -16.86
CA LEU A 175 0.54 -1.16 -17.71
C LEU A 175 -0.38 -0.01 -18.05
N ILE A 176 0.20 1.17 -18.10
CA ILE A 176 -0.47 2.34 -18.59
C ILE A 176 0.46 3.02 -19.55
N PHE A 177 -0.04 3.31 -20.74
CA PHE A 177 0.79 3.93 -21.75
C PHE A 177 0.56 5.40 -21.87
N ALA A 178 1.61 6.16 -21.59
CA ALA A 178 1.53 7.59 -21.64
C ALA A 178 2.23 8.09 -22.86
N ILE A 179 1.53 8.87 -23.66
CA ILE A 179 2.10 9.45 -24.85
C ILE A 179 2.46 10.87 -24.57
N ASN A 180 3.75 11.15 -24.52
CA ASN A 180 4.22 12.44 -24.07
C ASN A 180 4.57 13.36 -25.24
N LYS A 181 4.91 14.60 -24.92
CA LYS A 181 5.26 15.60 -25.92
C LYS A 181 4.22 15.78 -27.00
N ILE A 182 2.97 16.02 -26.60
CA ILE A 182 1.94 16.22 -27.60
C ILE A 182 1.80 17.69 -27.96
N ASP A 183 2.63 18.52 -27.37
CA ASP A 183 2.60 19.93 -27.68
C ASP A 183 3.33 20.20 -28.98
N LEU A 184 4.31 19.36 -29.29
CA LEU A 184 5.11 19.55 -30.49
C LEU A 184 4.29 19.35 -31.73
N PRO A 185 4.47 20.22 -32.73
CA PRO A 185 3.72 20.11 -33.98
C PRO A 185 4.04 18.87 -34.78
N GLN A 186 5.20 18.27 -34.54
CA GLN A 186 5.60 17.10 -35.28
C GLN A 186 5.11 15.86 -34.59
N ALA A 187 4.35 16.05 -33.53
CA ALA A 187 3.88 14.93 -32.75
C ALA A 187 2.69 14.24 -33.39
N ASP A 188 2.78 12.93 -33.53
CA ASP A 188 1.66 12.14 -34.01
C ASP A 188 1.34 10.98 -33.10
N PRO A 189 0.48 11.21 -32.10
CA PRO A 189 0.01 10.19 -31.17
C PRO A 189 -0.71 9.03 -31.83
N GLU A 190 -1.43 9.30 -32.91
CA GLU A 190 -2.14 8.26 -33.59
C GLU A 190 -1.16 7.25 -34.12
N LYS A 191 0.02 7.72 -34.47
CA LYS A 191 1.05 6.87 -35.01
C LYS A 191 1.46 5.91 -33.93
N VAL A 192 1.54 6.42 -32.72
CA VAL A 192 1.97 5.62 -31.61
C VAL A 192 0.92 4.60 -31.25
N LYS A 193 -0.34 5.00 -31.32
CA LYS A 193 -1.43 4.06 -31.08
C LYS A 193 -1.37 2.91 -32.06
N ARG A 194 -1.09 3.23 -33.32
CA ARG A 194 -0.95 2.21 -34.34
C ARG A 194 0.20 1.29 -34.03
N GLN A 195 1.30 1.84 -33.53
CA GLN A 195 2.43 1.03 -33.14
C GLN A 195 2.07 0.11 -32.00
N LEU A 196 1.21 0.60 -31.11
CA LEU A 196 0.80 -0.17 -29.96
C LEU A 196 -0.05 -1.33 -30.42
N MET A 197 -0.96 -1.06 -31.34
CA MET A 197 -1.82 -2.09 -31.86
C MET A 197 -1.02 -3.09 -32.69
N GLU A 198 -0.08 -2.55 -33.46
CA GLU A 198 0.85 -3.37 -34.23
C GLU A 198 1.52 -4.37 -33.32
N ARG A 199 1.74 -3.97 -32.08
CA ARG A 199 2.36 -4.84 -31.09
C ARG A 199 1.36 -5.56 -30.21
N GLY A 200 0.08 -5.33 -30.48
CA GLY A 200 -0.95 -6.10 -29.81
C GLY A 200 -1.46 -5.47 -28.53
N PHE A 201 -1.26 -4.17 -28.39
CA PHE A 201 -1.87 -3.49 -27.29
C PHE A 201 -2.91 -2.58 -27.87
N VAL A 202 -4.18 -2.91 -27.63
CA VAL A 202 -5.25 -2.14 -28.22
C VAL A 202 -5.88 -1.25 -27.18
N PRO A 203 -5.89 0.05 -27.46
CA PRO A 203 -6.47 1.05 -26.58
C PRO A 203 -7.93 0.79 -26.32
N GLU A 204 -8.42 1.34 -25.22
CA GLU A 204 -9.78 1.08 -24.80
C GLU A 204 -10.80 1.68 -25.74
N GLU A 205 -10.41 2.69 -26.51
CA GLU A 205 -11.37 3.35 -27.36
C GLU A 205 -11.68 2.52 -28.59
N TYR A 206 -10.78 1.62 -28.93
CA TYR A 206 -11.01 0.68 -30.01
C TYR A 206 -11.51 -0.66 -29.52
N GLY A 207 -11.72 -0.75 -28.21
CA GLY A 207 -12.34 -1.92 -27.62
C GLY A 207 -11.42 -2.89 -26.92
N GLY A 208 -10.17 -2.49 -26.73
CA GLY A 208 -9.17 -3.34 -26.13
C GLY A 208 -8.97 -2.97 -24.69
N ASP A 209 -8.09 -3.68 -24.01
CA ASP A 209 -7.84 -3.40 -22.60
C ASP A 209 -6.65 -2.50 -22.29
N ALA A 210 -5.95 -2.02 -23.30
CA ALA A 210 -4.80 -1.17 -23.07
C ALA A 210 -5.23 0.23 -22.74
N ILE A 211 -4.52 0.86 -21.82
CA ILE A 211 -4.87 2.20 -21.39
C ILE A 211 -3.88 3.19 -21.94
N VAL A 212 -4.38 4.20 -22.63
CA VAL A 212 -3.51 5.14 -23.28
C VAL A 212 -3.92 6.58 -23.00
N ILE A 213 -3.04 7.31 -22.32
CA ILE A 213 -3.29 8.71 -22.05
C ILE A 213 -2.26 9.60 -22.71
N PRO A 214 -2.69 10.41 -23.67
CA PRO A 214 -1.83 11.46 -24.22
C PRO A 214 -1.54 12.54 -23.20
N ILE A 215 -0.28 12.91 -23.03
CA ILE A 215 0.07 13.92 -22.06
C ILE A 215 1.17 14.81 -22.58
N SER A 216 1.35 15.94 -21.92
CA SER A 216 2.53 16.75 -22.14
C SER A 216 3.13 17.05 -20.79
N ALA A 217 4.33 16.54 -20.56
CA ALA A 217 4.99 16.77 -19.30
C ALA A 217 5.42 18.22 -19.17
N LYS A 218 5.65 18.88 -20.30
CA LYS A 218 6.03 20.28 -20.28
C LYS A 218 4.90 21.15 -19.79
N THR A 219 3.75 21.06 -20.46
CA THR A 219 2.58 21.89 -20.13
C THR A 219 1.73 21.38 -18.97
N GLY A 220 1.68 20.07 -18.77
CA GLY A 220 0.85 19.49 -17.75
C GLY A 220 -0.48 19.02 -18.30
N GLN A 221 -0.54 18.90 -19.62
CA GLN A 221 -1.78 18.52 -20.25
C GLN A 221 -2.01 17.04 -20.07
N GLY A 222 -3.17 16.68 -19.53
CA GLY A 222 -3.59 15.31 -19.47
C GLY A 222 -2.97 14.57 -18.32
N VAL A 223 -2.21 15.28 -17.51
CA VAL A 223 -1.55 14.68 -16.37
C VAL A 223 -2.57 14.41 -15.28
N GLN A 224 -3.52 15.31 -15.14
CA GLN A 224 -4.61 15.12 -14.21
C GLN A 224 -5.46 13.94 -14.65
N ASP A 225 -5.62 13.79 -15.97
CA ASP A 225 -6.39 12.68 -16.49
C ASP A 225 -5.63 11.40 -16.30
N LEU A 226 -4.31 11.48 -16.35
CA LEU A 226 -3.49 10.32 -16.16
C LEU A 226 -3.61 9.88 -14.73
N LEU A 227 -3.72 10.85 -13.84
CA LEU A 227 -3.86 10.56 -12.43
C LEU A 227 -5.17 9.87 -12.14
N GLU A 228 -6.25 10.35 -12.74
CA GLU A 228 -7.56 9.81 -12.48
C GLU A 228 -7.67 8.39 -13.01
N MET A 229 -6.92 8.11 -14.06
CA MET A 229 -6.96 6.80 -14.67
C MET A 229 -6.20 5.80 -13.82
N ILE A 230 -5.17 6.28 -13.13
CA ILE A 230 -4.39 5.42 -12.26
C ILE A 230 -5.19 5.02 -11.06
N LEU A 231 -5.93 5.97 -10.51
CA LEU A 231 -6.77 5.73 -9.36
C LEU A 231 -7.92 4.83 -9.74
N LEU A 232 -8.33 4.94 -10.99
CA LEU A 232 -9.45 4.18 -11.51
C LEU A 232 -9.10 2.72 -11.57
N LEU A 233 -7.92 2.44 -12.11
CA LEU A 233 -7.43 1.10 -12.26
C LEU A 233 -7.10 0.53 -10.90
N ALA A 234 -6.93 1.41 -9.93
CA ALA A 234 -6.65 1.01 -8.56
C ALA A 234 -7.89 0.46 -7.91
N GLU A 235 -9.01 1.15 -8.08
CA GLU A 235 -10.27 0.67 -7.57
C GLU A 235 -10.61 -0.64 -8.20
N LEU A 236 -10.30 -0.76 -9.49
CA LEU A 236 -10.57 -1.98 -10.21
C LEU A 236 -9.74 -3.12 -9.66
N GLU A 237 -8.48 -2.85 -9.35
CA GLU A 237 -7.61 -3.86 -8.78
C GLU A 237 -7.85 -4.04 -7.30
N ASP A 238 -8.36 -2.99 -6.66
CA ASP A 238 -8.71 -3.03 -5.26
C ASP A 238 -7.54 -3.44 -4.38
N TYR A 239 -6.57 -2.54 -4.27
CA TYR A 239 -5.40 -2.77 -3.46
C TYR A 239 -5.71 -2.50 -2.01
N ARG A 240 -5.38 -3.44 -1.15
CA ARG A 240 -5.57 -3.26 0.28
C ARG A 240 -4.48 -3.91 1.10
N ALA A 241 -4.40 -3.52 2.38
CA ALA A 241 -3.40 -4.10 3.27
C ALA A 241 -3.85 -4.09 4.72
N ASP A 242 -3.34 -5.05 5.49
CA ASP A 242 -3.66 -5.16 6.90
C ASP A 242 -2.63 -4.39 7.70
N PRO A 243 -3.04 -3.29 8.32
CA PRO A 243 -2.12 -2.49 9.14
C PRO A 243 -1.65 -3.25 10.36
N ASN A 244 -2.36 -4.30 10.72
CA ASN A 244 -2.02 -5.10 11.88
C ASN A 244 -1.26 -6.40 11.64
N ALA A 245 -0.91 -6.67 10.39
CA ALA A 245 -0.18 -7.89 10.06
C ALA A 245 1.26 -7.79 10.50
N GLU A 246 2.04 -8.84 10.27
CA GLU A 246 3.46 -8.74 10.56
C GLU A 246 4.04 -7.78 9.55
N PRO A 247 4.69 -6.73 10.04
CA PRO A 247 5.21 -5.65 9.21
C PRO A 247 6.14 -6.16 8.15
N ARG A 248 5.90 -5.72 6.93
CA ARG A 248 6.68 -6.16 5.81
C ARG A 248 6.84 -5.00 4.87
N GLY A 249 8.03 -4.86 4.32
CA GLY A 249 8.31 -3.74 3.46
C GLY A 249 9.47 -4.05 2.57
N VAL A 250 9.88 -3.07 1.79
CA VAL A 250 10.92 -3.30 0.82
C VAL A 250 11.86 -2.12 0.77
N ILE A 251 13.15 -2.39 0.60
CA ILE A 251 14.14 -1.34 0.51
C ILE A 251 14.24 -0.75 -0.89
N LEU A 252 14.06 0.56 -0.97
CA LEU A 252 14.17 1.27 -2.22
C LEU A 252 15.61 1.65 -2.47
N GLU A 253 16.15 2.46 -1.59
CA GLU A 253 17.54 2.85 -1.67
C GLU A 253 18.13 3.01 -0.28
N SER A 254 19.37 2.60 -0.12
CA SER A 254 20.04 2.71 1.15
C SER A 254 21.37 3.40 1.00
N LYS A 255 21.52 4.58 1.60
CA LYS A 255 22.74 5.34 1.45
C LYS A 255 23.47 5.68 2.74
N LEU A 256 24.54 6.45 2.61
CA LEU A 256 25.36 6.84 3.73
C LEU A 256 25.35 8.35 3.91
N ASP A 257 25.56 8.78 5.14
CA ASP A 257 25.68 10.19 5.45
C ASP A 257 26.74 10.33 6.51
N LYS A 258 27.61 11.33 6.40
CA LYS A 258 28.80 11.37 7.25
C LYS A 258 28.48 11.44 8.75
N GLN A 259 27.68 12.41 9.16
CA GLN A 259 27.32 12.51 10.56
C GLN A 259 26.22 11.53 10.92
N ALA A 260 25.37 11.22 9.95
CA ALA A 260 24.22 10.36 10.18
C ALA A 260 24.51 8.88 10.18
N GLY A 261 25.35 8.43 9.26
CA GLY A 261 25.59 7.01 9.10
C GLY A 261 24.70 6.36 8.06
N ILE A 262 24.47 5.05 8.21
CA ILE A 262 23.67 4.31 7.26
C ILE A 262 22.20 4.66 7.33
N ILE A 263 21.64 5.06 6.20
CA ILE A 263 20.23 5.32 6.13
C ILE A 263 19.61 4.53 5.02
N ALA A 264 18.36 4.14 5.22
CA ALA A 264 17.64 3.33 4.26
C ALA A 264 16.26 3.88 3.99
N ASN A 265 15.93 3.97 2.71
CA ASN A 265 14.59 4.30 2.31
C ASN A 265 13.76 3.05 2.13
N MET A 266 12.57 3.05 2.69
CA MET A 266 11.77 1.85 2.75
C MET A 266 10.32 2.12 2.39
N LEU A 267 9.73 1.21 1.65
CA LEU A 267 8.31 1.27 1.39
C LEU A 267 7.61 0.20 2.21
N VAL A 268 6.60 0.62 2.96
CA VAL A 268 5.87 -0.30 3.79
C VAL A 268 4.79 -0.96 2.99
N GLN A 269 4.67 -2.27 3.14
CA GLN A 269 3.74 -3.04 2.34
C GLN A 269 2.62 -3.59 3.19
N GLU A 270 2.95 -4.42 4.17
CA GLU A 270 1.95 -4.83 5.13
C GLU A 270 2.39 -4.42 6.51
N GLY A 271 1.42 -4.12 7.37
CA GLY A 271 1.69 -3.90 8.76
C GLY A 271 2.03 -2.49 9.16
N THR A 272 2.48 -2.33 10.38
CA THR A 272 2.92 -1.04 10.86
C THR A 272 4.23 -1.14 11.60
N PHE A 273 5.26 -0.48 11.08
CA PHE A 273 6.54 -0.40 11.74
C PHE A 273 6.49 0.74 12.71
N ARG A 274 7.10 0.55 13.88
CA ARG A 274 7.22 1.64 14.82
C ARG A 274 8.65 1.76 15.27
N VAL A 275 8.97 2.88 15.90
CA VAL A 275 10.30 3.08 16.43
C VAL A 275 10.63 2.08 17.53
N GLY A 276 11.80 1.47 17.42
CA GLY A 276 12.21 0.52 18.41
C GLY A 276 12.02 -0.89 17.94
N ASP A 277 11.33 -1.04 16.82
CA ASP A 277 11.17 -2.34 16.22
C ASP A 277 12.51 -2.83 15.75
N TYR A 278 12.75 -4.12 15.90
CA TYR A 278 13.94 -4.71 15.33
C TYR A 278 13.59 -5.26 13.97
N VAL A 279 14.42 -4.96 12.98
CA VAL A 279 14.16 -5.42 11.62
C VAL A 279 15.35 -6.08 10.99
N VAL A 280 15.07 -6.96 10.04
CA VAL A 280 16.12 -7.58 9.27
C VAL A 280 15.80 -7.35 7.82
N ALA A 281 16.77 -6.89 7.05
CA ALA A 281 16.58 -6.81 5.62
C ALA A 281 17.74 -7.51 4.97
N GLY A 282 17.47 -8.63 4.33
CA GLY A 282 18.53 -9.46 3.83
C GLY A 282 19.45 -9.82 4.96
N GLU A 283 20.73 -9.54 4.78
CA GLU A 283 21.71 -9.81 5.80
C GLU A 283 21.84 -8.61 6.70
N ALA A 284 21.15 -7.54 6.37
CA ALA A 284 21.24 -6.34 7.15
C ALA A 284 20.16 -6.36 8.21
N TYR A 285 20.56 -6.11 9.44
CA TYR A 285 19.60 -6.04 10.51
C TYR A 285 19.77 -4.75 11.27
N GLY A 286 18.99 -4.60 12.32
CA GLY A 286 19.10 -3.42 13.16
C GLY A 286 17.87 -3.09 13.96
N ARG A 287 17.93 -1.96 14.63
CA ARG A 287 16.82 -1.47 15.38
C ARG A 287 16.49 -0.12 14.80
N ILE A 288 15.21 0.17 14.66
CA ILE A 288 14.84 1.42 14.05
C ILE A 288 14.98 2.48 15.10
N ARG A 289 15.90 3.39 14.85
CA ARG A 289 16.12 4.51 15.73
C ARG A 289 15.11 5.59 15.47
N ALA A 290 14.89 5.90 14.20
CA ALA A 290 14.01 6.99 13.83
C ALA A 290 13.48 6.78 12.43
N MET A 291 12.40 7.47 12.13
CA MET A 291 11.79 7.41 10.80
C MET A 291 11.33 8.78 10.35
N MET A 292 11.67 9.14 9.13
CA MET A 292 11.31 10.42 8.57
C MET A 292 10.60 10.22 7.25
N ASP A 293 9.52 10.96 7.04
CA ASP A 293 8.75 10.84 5.81
C ASP A 293 9.16 11.81 4.71
N ALA A 294 8.36 11.84 3.65
CA ALA A 294 8.63 12.70 2.52
C ALA A 294 8.42 14.15 2.88
N ASP A 295 7.73 14.38 3.98
CA ASP A 295 7.47 15.73 4.45
C ASP A 295 8.46 16.19 5.49
N GLY A 296 9.38 15.31 5.89
CA GLY A 296 10.38 15.66 6.86
C GLY A 296 9.92 15.43 8.28
N ASN A 297 8.64 15.12 8.45
CA ASN A 297 8.11 14.79 9.76
C ASN A 297 8.78 13.56 10.34
N GLN A 298 9.11 13.61 11.63
CA GLN A 298 9.60 12.42 12.30
C GLN A 298 8.44 11.58 12.74
N ARG A 299 8.39 10.35 12.27
CA ARG A 299 7.23 9.53 12.47
C ARG A 299 7.46 8.48 13.55
N LYS A 300 6.46 8.29 14.38
CA LYS A 300 6.48 7.20 15.34
C LYS A 300 6.06 5.87 14.73
N GLU A 301 5.12 5.93 13.79
CA GLU A 301 4.58 4.72 13.18
C GLU A 301 4.47 4.86 11.68
N ALA A 302 4.59 3.74 10.97
CA ALA A 302 4.42 3.75 9.53
C ALA A 302 3.61 2.57 9.04
N GLY A 303 2.53 2.87 8.32
CA GLY A 303 1.67 1.84 7.77
C GLY A 303 1.85 1.67 6.27
N PRO A 304 0.99 0.87 5.63
CA PRO A 304 1.13 0.59 4.21
C PRO A 304 1.04 1.84 3.36
N GLY A 305 1.93 1.96 2.38
CA GLY A 305 1.92 3.06 1.45
C GLY A 305 2.91 4.13 1.85
N SER A 306 3.45 3.99 3.03
CA SER A 306 4.33 4.99 3.58
C SER A 306 5.76 4.79 3.14
N ALA A 307 6.36 5.84 2.61
CA ALA A 307 7.76 5.82 2.28
C ALA A 307 8.47 6.62 3.35
N VAL A 308 9.36 5.97 4.08
CA VAL A 308 10.05 6.62 5.16
C VAL A 308 11.51 6.29 5.13
N GLN A 309 12.29 7.15 5.79
CA GLN A 309 13.72 6.94 5.88
C GLN A 309 14.03 6.35 7.23
N VAL A 310 14.70 5.21 7.21
CA VAL A 310 14.96 4.48 8.43
C VAL A 310 16.41 4.62 8.86
N LEU A 311 16.57 4.96 10.12
CA LEU A 311 17.88 5.08 10.74
C LEU A 311 18.05 3.89 11.65
N GLY A 312 19.29 3.45 11.84
CA GLY A 312 19.56 2.35 12.73
C GLY A 312 20.01 1.03 12.16
N PHE A 313 20.01 0.88 10.84
CA PHE A 313 20.60 -0.30 10.25
C PHE A 313 22.09 -0.40 10.56
N GLN A 314 22.53 -1.61 10.86
CA GLN A 314 23.94 -1.87 11.11
C GLN A 314 24.76 -2.01 9.83
N GLU A 315 24.19 -2.63 8.81
CA GLU A 315 24.81 -2.67 7.51
C GLU A 315 23.96 -1.90 6.54
N LEU A 316 24.40 -1.86 5.29
CA LEU A 316 23.60 -1.29 4.25
C LEU A 316 22.82 -2.39 3.60
N PRO A 317 21.49 -2.27 3.64
CA PRO A 317 20.61 -3.21 2.95
C PRO A 317 20.61 -2.95 1.46
N HIS A 318 20.48 -4.02 0.68
CA HIS A 318 20.38 -3.87 -0.76
C HIS A 318 18.99 -3.45 -1.14
N ALA A 319 18.90 -2.74 -2.24
CA ALA A 319 17.61 -2.36 -2.76
C ALA A 319 16.86 -3.60 -3.19
N GLY A 320 15.55 -3.58 -2.97
CA GLY A 320 14.72 -4.69 -3.35
C GLY A 320 14.64 -5.76 -2.29
N ASP A 321 15.43 -5.62 -1.25
CA ASP A 321 15.42 -6.55 -0.17
C ASP A 321 14.22 -6.29 0.71
N VAL A 322 13.68 -7.35 1.27
CA VAL A 322 12.49 -7.25 2.08
C VAL A 322 12.84 -6.94 3.50
N VAL A 323 12.15 -5.97 4.06
CA VAL A 323 12.33 -5.63 5.44
C VAL A 323 11.35 -6.41 6.27
N GLU A 324 11.85 -7.12 7.27
CA GLU A 324 11.02 -8.00 8.07
C GLU A 324 11.11 -7.67 9.54
N TRP A 325 9.96 -7.65 10.21
CA TRP A 325 9.91 -7.40 11.63
C TRP A 325 10.42 -8.61 12.38
N VAL A 326 11.12 -8.37 13.47
CA VAL A 326 11.55 -9.44 14.34
C VAL A 326 11.41 -8.99 15.78
N PRO A 327 11.12 -9.93 16.68
CA PRO A 327 10.84 -9.63 18.07
C PRO A 327 12.00 -9.03 18.86
N ASP A 328 13.20 -9.53 18.64
CA ASP A 328 14.32 -9.10 19.43
C ASP A 328 15.60 -8.99 18.63
N LEU A 329 16.57 -8.32 19.20
CA LEU A 329 17.86 -8.12 18.55
C LEU A 329 18.47 -9.44 18.23
N GLU A 330 18.37 -10.38 19.16
CA GLU A 330 18.99 -11.67 18.96
C GLU A 330 18.40 -12.38 17.76
N ALA A 331 17.10 -12.20 17.55
CA ALA A 331 16.45 -12.86 16.44
C ALA A 331 16.82 -12.17 15.15
N ALA A 332 17.11 -10.88 15.24
CA ALA A 332 17.50 -10.15 14.06
C ALA A 332 18.91 -10.56 13.70
N LYS A 333 19.67 -10.99 14.70
CA LYS A 333 21.05 -11.36 14.51
C LYS A 333 21.21 -12.76 13.95
N GLU A 334 20.36 -13.68 14.39
CA GLU A 334 20.46 -15.05 13.93
C GLU A 334 19.99 -15.19 12.50
N ILE A 335 18.88 -14.53 12.19
CA ILE A 335 18.35 -14.57 10.85
C ILE A 335 19.32 -13.93 9.89
N ALA A 336 19.88 -12.80 10.28
CA ALA A 336 20.82 -12.12 9.43
C ALA A 336 22.07 -12.94 9.24
N GLU A 337 22.43 -13.71 10.25
CA GLU A 337 23.67 -14.46 10.18
C GLU A 337 23.52 -15.68 9.32
N GLU A 338 22.36 -16.32 9.42
CA GLU A 338 22.14 -17.53 8.66
C GLU A 338 22.14 -17.22 7.17
N ARG A 339 21.60 -16.07 6.80
CA ARG A 339 21.57 -15.68 5.40
C ARG A 339 22.97 -15.36 4.90
N LYS A 340 23.84 -15.00 5.83
CA LYS A 340 25.22 -14.75 5.51
C LYS A 340 25.95 -16.06 5.26
N GLU A 341 25.65 -17.06 6.08
CA GLU A 341 26.26 -18.37 5.93
C GLU A 341 26.00 -18.92 4.56
N GLU A 342 24.72 -19.02 4.21
CA GLU A 342 24.31 -19.64 2.97
C GLU A 342 24.91 -18.93 1.77
N ARG A 343 24.98 -17.61 1.85
CA ARG A 343 25.55 -16.84 0.76
C ARG A 343 27.02 -17.12 0.60
N LYS A 344 27.74 -17.19 1.72
CA LYS A 344 29.14 -17.58 1.68
C LYS A 344 29.27 -18.91 1.01
N ALA A 345 28.69 -19.94 1.62
CA ALA A 345 28.79 -21.29 1.10
C ALA A 345 28.43 -21.36 -0.37
N ARG A 346 27.30 -20.76 -0.72
CA ARG A 346 26.82 -20.82 -2.09
C ARG A 346 27.70 -19.94 -2.97
N GLU A 347 28.55 -19.14 -2.35
CA GLU A 347 29.58 -18.45 -3.12
C GLU A 347 30.74 -19.37 -3.41
N GLU A 348 31.15 -20.16 -2.43
CA GLU A 348 32.33 -21.00 -2.64
C GLU A 348 31.94 -22.24 -3.39
N GLU A 349 30.64 -22.40 -3.61
CA GLU A 349 30.12 -23.43 -4.48
C GLU A 349 30.27 -22.96 -5.93
N GLU A 350 30.41 -21.66 -6.10
CA GLU A 350 30.64 -21.08 -7.40
C GLU A 350 32.12 -21.03 -7.72
N LYS A 351 32.94 -21.33 -6.73
CA LYS A 351 34.37 -21.46 -6.97
C LYS A 351 34.64 -22.75 -7.70
N ALA A 352 33.98 -23.82 -7.25
CA ALA A 352 34.10 -25.12 -7.90
C ALA A 352 33.72 -25.04 -9.37
N ARG A 353 32.43 -24.83 -9.63
CA ARG A 353 31.96 -24.67 -10.98
C ARG A 353 32.06 -23.21 -11.38
N ARG A 354 32.86 -22.95 -12.41
CA ARG A 354 33.20 -21.58 -12.80
C ARG A 354 31.97 -20.71 -13.07
PB GDP B . 14.20 11.23 -19.69
O1B GDP B . 15.31 11.54 -20.65
O2B GDP B . 14.77 10.78 -18.39
O3B GDP B . 13.37 10.11 -20.24
O3A GDP B . 13.29 12.51 -19.48
PA GDP B . 13.84 13.98 -19.79
O1A GDP B . 15.33 14.06 -19.59
O2A GDP B . 13.13 14.98 -18.94
O5' GDP B . 13.48 14.29 -21.31
C5' GDP B . 14.50 14.86 -22.12
C4' GDP B . 13.98 16.13 -22.76
O4' GDP B . 12.62 16.00 -23.11
C3' GDP B . 14.07 17.26 -21.77
O3' GDP B . 14.82 18.32 -22.35
C2' GDP B . 12.67 17.72 -21.56
O2' GDP B . 12.63 19.14 -21.47
C1' GDP B . 11.97 17.22 -22.81
N9 GDP B . 10.53 17.02 -22.54
C8 GDP B . 10.01 16.26 -21.58
N7 GDP B . 8.67 16.31 -21.62
C5 GDP B . 8.32 17.12 -22.63
C6 GDP B . 7.05 17.61 -23.22
O6 GDP B . 5.95 17.26 -22.77
N1 GDP B . 7.13 18.44 -24.25
C2 GDP B . 8.29 18.84 -24.77
N2 GDP B . 8.27 19.69 -25.82
N3 GDP B . 9.48 18.44 -24.28
C4 GDP B . 9.55 17.60 -23.23
#